data_3BU8
#
_entry.id   3BU8
#
_cell.length_a   75.235
_cell.length_b   75.235
_cell.length_c   181.600
_cell.angle_alpha   90.00
_cell.angle_beta   90.00
_cell.angle_gamma   90.00
#
_symmetry.space_group_name_H-M   'P 41 21 2'
#
loop_
_entity.id
_entity.type
_entity.pdbx_description
1 polymer 'Telomeric repeat-binding factor 2'
2 polymer 'TERF1-interacting nuclear factor 2'
3 water water
#
loop_
_entity_poly.entity_id
_entity_poly.type
_entity_poly.pdbx_seq_one_letter_code
_entity_poly.pdbx_strand_id
1 'polypeptide(L)'
;GAGEARLEEAVNRWVLKFYFHEALRAFRGSRYGDFRQIRDIMQALLVRPLGKEHTVSRLLRVMQCLSRIEEGENLDCSFD
MEAELTPLESAINVLEMIKTEFTLTEAVVESSRKLVKEAAVIICIKNKEFEKASKILKKHMSKDPTTQKLRNDLLNIIRE
KNLAHPVIQNFSYETFQQKMLRFLESHLDDAEPYLLTMAKKALKSESAASSTGKEDKQPAPGPVEKPPREPARQL
;
A,B
2 'polypeptide(L)' SFNLAPLGRRRVQSQWAST C,D
#
# COMPACT_ATOMS: atom_id res chain seq x y z
N GLY A 3 -18.18 -7.38 27.24
CA GLY A 3 -18.81 -8.70 26.95
C GLY A 3 -19.73 -8.65 25.76
N GLU A 4 -20.89 -8.03 25.93
CA GLU A 4 -21.85 -7.89 24.84
C GLU A 4 -21.17 -7.02 23.79
N ALA A 5 -19.86 -6.85 23.96
CA ALA A 5 -19.03 -6.03 23.08
C ALA A 5 -18.01 -6.82 22.26
N ARG A 6 -18.20 -8.13 22.14
CA ARG A 6 -17.34 -8.96 21.32
C ARG A 6 -18.39 -9.60 20.45
N LEU A 7 -19.62 -9.44 20.92
CA LEU A 7 -20.78 -9.94 20.24
C LEU A 7 -21.06 -8.92 19.14
N GLU A 8 -20.76 -7.66 19.42
CA GLU A 8 -20.97 -6.61 18.42
C GLU A 8 -20.00 -6.86 17.25
N GLU A 9 -18.74 -7.12 17.58
CA GLU A 9 -17.73 -7.38 16.57
C GLU A 9 -18.17 -8.52 15.66
N ALA A 10 -18.75 -9.57 16.24
CA ALA A 10 -19.19 -10.71 15.46
C ALA A 10 -20.34 -10.36 14.52
N VAL A 11 -21.31 -9.60 15.03
CA VAL A 11 -22.46 -9.21 14.22
C VAL A 11 -22.07 -8.19 13.14
N ASN A 12 -21.19 -7.27 13.50
CA ASN A 12 -20.73 -6.27 12.54
C ASN A 12 -20.10 -6.95 11.33
N ARG A 13 -19.43 -8.06 11.57
CA ARG A 13 -18.81 -8.80 10.48
C ARG A 13 -19.86 -9.42 9.56
N TRP A 14 -20.86 -10.09 10.14
CA TRP A 14 -21.90 -10.70 9.33
C TRP A 14 -22.60 -9.63 8.51
N VAL A 15 -22.89 -8.51 9.16
CA VAL A 15 -23.57 -7.41 8.49
C VAL A 15 -22.72 -6.92 7.32
N LEU A 16 -21.43 -6.67 7.59
CA LEU A 16 -20.51 -6.18 6.57
C LEU A 16 -20.40 -7.15 5.39
N LYS A 17 -20.30 -8.45 5.68
CA LYS A 17 -20.17 -9.45 4.62
C LYS A 17 -21.47 -9.62 3.85
N PHE A 18 -22.61 -9.35 4.50
CA PHE A 18 -23.88 -9.48 3.83
C PHE A 18 -24.04 -8.38 2.79
N TYR A 19 -23.80 -7.15 3.22
CA TYR A 19 -23.93 -6.03 2.31
C TYR A 19 -22.87 -6.10 1.20
N PHE A 20 -21.70 -6.67 1.50
CA PHE A 20 -20.67 -6.81 0.48
C PHE A 20 -21.26 -7.68 -0.63
N HIS A 21 -21.84 -8.81 -0.24
CA HIS A 21 -22.46 -9.74 -1.18
C HIS A 21 -23.52 -9.04 -2.05
N GLU A 22 -24.33 -8.19 -1.42
CA GLU A 22 -25.38 -7.47 -2.15
C GLU A 22 -24.79 -6.32 -2.99
N ALA A 23 -23.64 -5.81 -2.59
CA ALA A 23 -23.01 -4.75 -3.35
C ALA A 23 -22.52 -5.34 -4.67
N LEU A 24 -21.86 -6.49 -4.60
CA LEU A 24 -21.36 -7.14 -5.80
C LEU A 24 -22.54 -7.49 -6.73
N ARG A 25 -23.57 -8.10 -6.16
CA ARG A 25 -24.75 -8.48 -6.93
C ARG A 25 -25.26 -7.27 -7.72
N ALA A 26 -25.38 -6.14 -7.03
CA ALA A 26 -25.85 -4.90 -7.64
C ALA A 26 -24.91 -4.42 -8.75
N PHE A 27 -23.61 -4.40 -8.46
CA PHE A 27 -22.61 -3.94 -9.42
C PHE A 27 -22.66 -4.86 -10.64
N ARG A 28 -22.77 -6.16 -10.39
CA ARG A 28 -22.81 -7.12 -11.48
C ARG A 28 -24.09 -7.01 -12.32
N GLY A 29 -25.11 -6.35 -11.78
CA GLY A 29 -26.36 -6.20 -12.51
C GLY A 29 -26.49 -4.81 -13.11
N SER A 30 -25.44 -4.00 -12.91
CA SER A 30 -25.40 -2.64 -13.41
C SER A 30 -26.35 -1.74 -12.63
N ARG A 31 -26.69 -2.16 -11.42
CA ARG A 31 -27.56 -1.37 -10.54
C ARG A 31 -26.63 -0.56 -9.64
N TYR A 32 -25.92 0.38 -10.26
CA TYR A 32 -24.96 1.22 -9.56
C TYR A 32 -25.58 2.11 -8.49
N GLY A 33 -26.86 2.44 -8.66
CA GLY A 33 -27.54 3.26 -7.67
C GLY A 33 -27.64 2.47 -6.36
N ASP A 34 -28.03 1.21 -6.48
CA ASP A 34 -28.15 0.32 -5.32
C ASP A 34 -26.75 0.07 -4.73
N PHE A 35 -25.77 -0.11 -5.60
CA PHE A 35 -24.41 -0.35 -5.16
C PHE A 35 -23.95 0.76 -4.22
N ARG A 36 -24.18 1.99 -4.66
CA ARG A 36 -23.79 3.19 -3.92
C ARG A 36 -24.49 3.29 -2.57
N GLN A 37 -25.78 3.01 -2.55
CA GLN A 37 -26.53 3.08 -1.29
C GLN A 37 -25.96 2.06 -0.32
N ILE A 38 -25.70 0.86 -0.82
CA ILE A 38 -25.14 -0.20 0.00
C ILE A 38 -23.70 0.18 0.42
N ARG A 39 -22.96 0.76 -0.51
CA ARG A 39 -21.59 1.19 -0.21
C ARG A 39 -21.59 2.13 0.99
N ASP A 40 -22.59 3.01 1.06
CA ASP A 40 -22.66 3.96 2.17
C ASP A 40 -22.95 3.29 3.52
N ILE A 41 -23.70 2.18 3.51
CA ILE A 41 -23.98 1.48 4.76
C ILE A 41 -22.65 0.92 5.28
N MET A 42 -21.89 0.33 4.37
CA MET A 42 -20.60 -0.25 4.72
C MET A 42 -19.64 0.82 5.24
N GLN A 43 -19.69 2.01 4.63
CA GLN A 43 -18.83 3.11 5.06
C GLN A 43 -19.13 3.49 6.52
N ALA A 44 -20.40 3.53 6.87
CA ALA A 44 -20.80 3.87 8.23
C ALA A 44 -20.34 2.80 9.23
N LEU A 45 -20.36 1.54 8.79
CA LEU A 45 -19.94 0.41 9.62
C LEU A 45 -18.45 0.36 9.96
N LEU A 46 -17.63 0.89 9.07
CA LEU A 46 -16.17 0.89 9.23
C LEU A 46 -15.62 1.46 10.53
N VAL A 47 -16.32 2.42 11.13
CA VAL A 47 -15.86 3.01 12.37
C VAL A 47 -16.14 2.11 13.58
N ARG A 48 -16.96 1.09 13.37
CA ARG A 48 -17.30 0.16 14.45
C ARG A 48 -16.28 -0.98 14.55
N PRO A 49 -16.14 -1.58 15.75
CA PRO A 49 -15.18 -2.67 15.94
C PRO A 49 -15.57 -3.88 15.09
N LEU A 50 -14.63 -4.33 14.28
CA LEU A 50 -14.84 -5.46 13.41
C LEU A 50 -13.91 -6.60 13.79
N GLY A 51 -13.15 -6.40 14.86
CA GLY A 51 -12.20 -7.41 15.23
C GLY A 51 -11.32 -7.38 14.01
N LYS A 52 -10.45 -8.36 13.81
CA LYS A 52 -9.62 -8.37 12.62
C LYS A 52 -9.73 -9.74 12.00
N GLU A 53 -9.90 -9.77 10.69
CA GLU A 53 -10.07 -11.02 9.98
C GLU A 53 -9.60 -10.77 8.55
N HIS A 54 -8.61 -11.55 8.11
CA HIS A 54 -8.08 -11.41 6.77
C HIS A 54 -9.16 -11.27 5.71
N THR A 55 -10.29 -11.93 5.93
CA THR A 55 -11.37 -11.90 4.96
C THR A 55 -12.09 -10.55 4.83
N VAL A 56 -12.23 -9.79 5.91
CA VAL A 56 -12.89 -8.50 5.81
C VAL A 56 -11.92 -7.45 5.29
N SER A 57 -10.63 -7.62 5.58
CA SER A 57 -9.61 -6.69 5.13
C SER A 57 -9.51 -6.73 3.59
N ARG A 58 -9.70 -7.92 3.03
CA ARG A 58 -9.64 -8.10 1.58
C ARG A 58 -10.93 -7.60 0.93
N LEU A 59 -12.05 -7.93 1.56
CA LEU A 59 -13.34 -7.50 1.07
C LEU A 59 -13.39 -5.97 0.96
N LEU A 60 -12.95 -5.22 1.97
CA LEU A 60 -13.04 -3.79 1.75
C LEU A 60 -11.98 -3.16 0.86
N ARG A 61 -10.91 -3.89 0.54
CA ARG A 61 -9.95 -3.34 -0.41
C ARG A 61 -10.68 -3.41 -1.77
N VAL A 62 -11.30 -4.56 -2.04
CA VAL A 62 -12.06 -4.79 -3.27
C VAL A 62 -13.19 -3.78 -3.33
N MET A 63 -13.87 -3.60 -2.19
CA MET A 63 -14.97 -2.65 -2.11
C MET A 63 -14.44 -1.25 -2.42
N GLN A 64 -13.24 -0.94 -1.92
CA GLN A 64 -12.64 0.37 -2.19
C GLN A 64 -12.38 0.54 -3.68
N CYS A 65 -11.85 -0.51 -4.31
CA CYS A 65 -11.56 -0.43 -5.73
C CYS A 65 -12.84 -0.25 -6.53
N LEU A 66 -13.84 -1.10 -6.27
CA LEU A 66 -15.12 -1.00 -6.99
C LEU A 66 -15.81 0.35 -6.85
N SER A 67 -15.77 0.93 -5.67
CA SER A 67 -16.40 2.23 -5.42
C SER A 67 -15.76 3.34 -6.24
N ARG A 68 -14.44 3.33 -6.35
CA ARG A 68 -13.77 4.35 -7.16
C ARG A 68 -14.09 4.11 -8.64
N ILE A 69 -14.13 2.85 -9.04
CA ILE A 69 -14.45 2.50 -10.42
C ILE A 69 -15.89 2.90 -10.77
N GLU A 70 -16.82 2.70 -9.83
CA GLU A 70 -18.23 3.03 -10.06
C GLU A 70 -18.43 4.54 -10.23
N GLU A 71 -17.56 5.31 -9.59
CA GLU A 71 -17.62 6.77 -9.66
C GLU A 71 -16.57 7.28 -10.63
N GLY A 72 -16.00 6.36 -11.42
CA GLY A 72 -14.95 6.69 -12.36
C GLY A 72 -15.20 7.80 -13.35
N GLU A 73 -16.44 7.97 -13.77
CA GLU A 73 -16.80 9.00 -14.73
C GLU A 73 -17.10 10.36 -14.10
N ASN A 74 -17.17 10.39 -12.78
CA ASN A 74 -17.42 11.64 -12.06
C ASN A 74 -16.08 12.25 -11.67
N LEU A 75 -15.48 13.00 -12.59
CA LEU A 75 -14.19 13.63 -12.33
C LEU A 75 -14.30 14.72 -11.28
N ASP A 76 -15.48 14.87 -10.72
CA ASP A 76 -15.72 15.89 -9.69
C ASP A 76 -15.67 15.26 -8.31
N CYS A 77 -15.43 13.94 -8.27
CA CYS A 77 -15.33 13.22 -7.01
C CYS A 77 -13.88 13.07 -6.57
N SER A 78 -13.65 13.30 -5.29
CA SER A 78 -12.33 13.16 -4.73
C SER A 78 -12.36 12.10 -3.66
N PHE A 79 -11.60 11.03 -3.88
CA PHE A 79 -11.51 9.93 -2.93
C PHE A 79 -10.23 10.04 -2.11
N ASP A 80 -9.42 11.05 -2.42
CA ASP A 80 -8.14 11.22 -1.76
C ASP A 80 -7.84 12.60 -1.20
N MET A 81 -7.04 12.62 -0.14
CA MET A 81 -6.61 13.86 0.50
C MET A 81 -6.05 14.75 -0.61
N GLU A 82 -5.22 14.16 -1.45
CA GLU A 82 -4.66 14.87 -2.59
C GLU A 82 -5.88 14.96 -3.51
N ALA A 83 -6.59 16.07 -3.43
CA ALA A 83 -7.81 16.24 -4.21
C ALA A 83 -7.70 16.28 -5.72
N GLU A 84 -6.50 16.37 -6.28
CA GLU A 84 -6.34 16.41 -7.74
C GLU A 84 -6.50 15.01 -8.34
N LEU A 85 -6.35 14.00 -7.51
CA LEU A 85 -6.46 12.61 -7.95
C LEU A 85 -7.88 12.23 -8.38
N THR A 86 -8.03 11.82 -9.63
CA THR A 86 -9.34 11.39 -10.14
C THR A 86 -9.63 10.02 -9.56
N PRO A 87 -10.91 9.64 -9.50
CA PRO A 87 -11.33 8.34 -8.97
C PRO A 87 -10.57 7.13 -9.54
N LEU A 88 -10.40 7.10 -10.86
CA LEU A 88 -9.69 5.98 -11.48
C LEU A 88 -8.19 5.99 -11.10
N GLU A 89 -7.64 7.18 -10.85
CA GLU A 89 -6.25 7.25 -10.43
C GLU A 89 -6.19 6.60 -9.05
N SER A 90 -7.21 6.89 -8.24
CA SER A 90 -7.30 6.34 -6.89
C SER A 90 -7.46 4.83 -6.97
N ALA A 91 -8.21 4.34 -7.95
CA ALA A 91 -8.44 2.92 -8.14
C ALA A 91 -7.13 2.20 -8.52
N ILE A 92 -6.27 2.91 -9.24
CA ILE A 92 -5.00 2.32 -9.62
C ILE A 92 -4.25 2.03 -8.34
N ASN A 93 -4.22 3.00 -7.43
CA ASN A 93 -3.52 2.82 -6.17
C ASN A 93 -4.11 1.70 -5.32
N VAL A 94 -5.44 1.60 -5.28
CA VAL A 94 -6.08 0.54 -4.51
C VAL A 94 -5.69 -0.80 -5.11
N LEU A 95 -5.55 -0.85 -6.43
CA LEU A 95 -5.16 -2.09 -7.11
C LEU A 95 -3.74 -2.50 -6.67
N GLU A 96 -2.87 -1.50 -6.48
CA GLU A 96 -1.51 -1.76 -6.04
C GLU A 96 -1.49 -2.27 -4.60
N MET A 97 -2.38 -1.74 -3.77
CA MET A 97 -2.45 -2.18 -2.39
C MET A 97 -3.03 -3.60 -2.35
N ILE A 98 -3.90 -3.91 -3.30
CA ILE A 98 -4.47 -5.24 -3.39
C ILE A 98 -3.37 -6.24 -3.78
N LYS A 99 -2.54 -5.84 -4.74
CA LYS A 99 -1.45 -6.69 -5.19
C LYS A 99 -0.53 -7.04 -4.02
N THR A 100 -0.12 -6.00 -3.30
CA THR A 100 0.75 -6.13 -2.14
C THR A 100 0.09 -6.97 -1.04
N GLU A 101 -1.11 -6.55 -0.62
CA GLU A 101 -1.82 -7.24 0.46
C GLU A 101 -2.36 -8.63 0.17
N PHE A 102 -2.67 -8.94 -1.10
CA PHE A 102 -3.17 -10.26 -1.45
C PHE A 102 -1.99 -11.12 -1.92
N THR A 103 -0.79 -10.55 -1.87
CA THR A 103 0.43 -11.22 -2.32
C THR A 103 0.19 -11.80 -3.71
N LEU A 104 -0.12 -10.93 -4.66
CA LEU A 104 -0.36 -11.36 -6.04
C LEU A 104 0.87 -11.06 -6.88
N THR A 105 1.10 -11.89 -7.90
CA THR A 105 2.24 -11.66 -8.77
C THR A 105 1.90 -10.55 -9.75
N GLU A 106 2.94 -9.91 -10.28
CA GLU A 106 2.77 -8.84 -11.24
C GLU A 106 1.98 -9.34 -12.43
N ALA A 107 2.28 -10.56 -12.85
CA ALA A 107 1.61 -11.19 -14.00
C ALA A 107 0.11 -11.26 -13.81
N VAL A 108 -0.32 -11.57 -12.59
CA VAL A 108 -1.74 -11.69 -12.29
C VAL A 108 -2.47 -10.34 -12.35
N VAL A 109 -1.79 -9.29 -11.89
CA VAL A 109 -2.35 -7.95 -11.83
C VAL A 109 -2.18 -7.02 -13.03
N GLU A 110 -1.07 -7.17 -13.74
CA GLU A 110 -0.73 -6.27 -14.84
C GLU A 110 -1.76 -5.95 -15.92
N SER A 111 -2.52 -6.93 -16.39
CA SER A 111 -3.52 -6.67 -17.42
C SER A 111 -4.63 -5.77 -16.88
N SER A 112 -5.02 -6.01 -15.63
CA SER A 112 -6.08 -5.22 -14.98
C SER A 112 -5.63 -3.79 -14.72
N ARG A 113 -4.37 -3.61 -14.34
CA ARG A 113 -3.85 -2.28 -14.08
C ARG A 113 -3.83 -1.51 -15.40
N LYS A 114 -3.51 -2.20 -16.49
CA LYS A 114 -3.48 -1.53 -17.79
C LYS A 114 -4.87 -1.02 -18.14
N LEU A 115 -5.90 -1.81 -17.88
CA LEU A 115 -7.27 -1.40 -18.18
C LEU A 115 -7.64 -0.12 -17.44
N VAL A 116 -7.32 -0.06 -16.16
CA VAL A 116 -7.65 1.10 -15.35
C VAL A 116 -6.88 2.35 -15.81
N LYS A 117 -5.59 2.20 -16.15
CA LYS A 117 -4.78 3.32 -16.61
C LYS A 117 -5.38 3.91 -17.89
N GLU A 118 -5.71 3.01 -18.80
CA GLU A 118 -6.30 3.36 -20.07
C GLU A 118 -7.63 4.10 -19.87
N ALA A 119 -8.47 3.56 -18.99
CA ALA A 119 -9.77 4.18 -18.72
C ALA A 119 -9.56 5.57 -18.12
N ALA A 120 -8.62 5.68 -17.19
CA ALA A 120 -8.32 6.95 -16.54
C ALA A 120 -8.00 8.05 -17.55
N VAL A 121 -7.18 7.73 -18.55
CA VAL A 121 -6.82 8.71 -19.59
C VAL A 121 -8.00 9.02 -20.53
N ILE A 122 -8.64 7.97 -21.02
CA ILE A 122 -9.76 8.10 -21.95
C ILE A 122 -10.95 8.86 -21.38
N ILE A 123 -11.30 8.56 -20.13
CA ILE A 123 -12.42 9.25 -19.48
C ILE A 123 -12.08 10.72 -19.34
N CYS A 124 -10.84 11.01 -18.96
CA CYS A 124 -10.40 12.40 -18.86
C CYS A 124 -10.54 13.04 -20.24
N ILE A 125 -10.14 12.30 -21.29
CA ILE A 125 -10.23 12.83 -22.65
C ILE A 125 -11.68 13.15 -23.07
N LYS A 126 -12.60 12.23 -22.81
CA LYS A 126 -14.00 12.41 -23.16
C LYS A 126 -14.64 13.58 -22.42
N ASN A 127 -14.09 13.92 -21.27
CA ASN A 127 -14.61 15.03 -20.49
C ASN A 127 -13.83 16.31 -20.78
N LYS A 128 -12.99 16.29 -21.81
CA LYS A 128 -12.18 17.43 -22.22
C LYS A 128 -11.09 17.90 -21.24
N GLU A 129 -10.69 17.03 -20.32
CA GLU A 129 -9.62 17.39 -19.39
C GLU A 129 -8.32 16.89 -20.01
N PHE A 130 -7.96 17.52 -21.13
CA PHE A 130 -6.76 17.14 -21.88
C PHE A 130 -5.44 17.19 -21.13
N GLU A 131 -5.20 18.26 -20.37
CA GLU A 131 -3.96 18.37 -19.60
C GLU A 131 -3.88 17.23 -18.59
N LYS A 132 -5.00 16.96 -17.92
CA LYS A 132 -5.05 15.89 -16.93
C LYS A 132 -4.76 14.55 -17.61
N ALA A 133 -5.43 14.29 -18.73
CA ALA A 133 -5.20 13.04 -19.46
C ALA A 133 -3.72 12.89 -19.74
N SER A 134 -3.11 14.00 -20.16
CA SER A 134 -1.69 14.04 -20.48
C SER A 134 -0.82 13.65 -19.29
N LYS A 135 -1.14 14.21 -18.13
CA LYS A 135 -0.38 13.90 -16.93
C LYS A 135 -0.54 12.46 -16.49
N ILE A 136 -1.74 11.94 -16.59
CA ILE A 136 -1.96 10.56 -16.19
C ILE A 136 -1.19 9.64 -17.12
N LEU A 137 -1.29 9.93 -18.41
CA LEU A 137 -0.61 9.14 -19.44
C LEU A 137 0.90 9.17 -19.22
N LYS A 138 1.44 10.35 -18.95
CA LYS A 138 2.87 10.48 -18.74
C LYS A 138 3.36 9.85 -17.44
N LYS A 139 2.51 9.88 -16.42
CA LYS A 139 2.86 9.33 -15.13
C LYS A 139 2.69 7.81 -15.05
N HIS A 140 1.67 7.28 -15.72
CA HIS A 140 1.39 5.83 -15.67
C HIS A 140 1.68 4.97 -16.89
N MET A 141 1.74 5.56 -18.07
CA MET A 141 1.97 4.75 -19.27
C MET A 141 3.31 4.90 -19.97
N SER A 142 4.17 5.78 -19.48
CA SER A 142 5.46 5.98 -20.14
C SER A 142 6.52 4.92 -19.85
N LYS A 143 6.45 4.29 -18.70
CA LYS A 143 7.42 3.27 -18.31
C LYS A 143 7.13 1.87 -18.88
N ASP A 144 6.02 1.73 -19.58
CA ASP A 144 5.62 0.45 -20.13
C ASP A 144 5.81 0.31 -21.64
N PRO A 145 6.85 -0.44 -22.07
CA PRO A 145 7.15 -0.66 -23.50
C PRO A 145 6.09 -1.55 -24.15
N THR A 146 5.38 -2.26 -23.29
CA THR A 146 4.33 -3.18 -23.71
C THR A 146 3.06 -2.41 -24.12
N THR A 147 3.05 -1.11 -23.84
CA THR A 147 1.88 -0.29 -24.12
C THR A 147 2.18 0.94 -25.00
N GLN A 148 3.15 0.80 -25.90
CA GLN A 148 3.60 1.87 -26.79
C GLN A 148 2.64 2.58 -27.76
N LYS A 149 2.01 1.84 -28.67
CA LYS A 149 1.12 2.47 -29.63
C LYS A 149 -0.23 2.88 -29.09
N LEU A 150 -0.50 2.56 -27.83
CA LEU A 150 -1.77 2.97 -27.24
C LEU A 150 -1.55 4.39 -26.74
N ARG A 151 -0.40 4.59 -26.10
CA ARG A 151 -0.09 5.90 -25.54
C ARG A 151 0.32 6.94 -26.57
N ASN A 152 0.96 6.54 -27.66
CA ASN A 152 1.33 7.52 -28.67
C ASN A 152 0.06 7.88 -29.45
N ASP A 153 -0.87 6.94 -29.48
CA ASP A 153 -2.14 7.17 -30.14
C ASP A 153 -2.94 8.13 -29.26
N LEU A 154 -2.91 7.90 -27.95
CA LEU A 154 -3.64 8.75 -27.01
C LEU A 154 -3.04 10.15 -26.95
N LEU A 155 -1.71 10.22 -27.09
CA LEU A 155 -1.02 11.51 -27.06
C LEU A 155 -1.44 12.36 -28.26
N ASN A 156 -1.52 11.75 -29.43
CA ASN A 156 -1.92 12.46 -30.63
C ASN A 156 -3.40 12.82 -30.55
N ILE A 157 -4.18 11.96 -29.90
CA ILE A 157 -5.60 12.22 -29.72
C ILE A 157 -5.75 13.44 -28.83
N ILE A 158 -4.93 13.49 -27.78
CA ILE A 158 -4.97 14.61 -26.85
C ILE A 158 -4.49 15.87 -27.54
N ARG A 159 -3.41 15.73 -28.33
CA ARG A 159 -2.83 16.85 -29.02
C ARG A 159 -3.78 17.48 -30.03
N GLU A 160 -4.58 16.65 -30.70
CA GLU A 160 -5.52 17.16 -31.69
C GLU A 160 -6.96 17.26 -31.17
N LYS A 161 -7.17 16.92 -29.89
CA LYS A 161 -8.50 16.98 -29.28
C LYS A 161 -9.47 16.15 -30.10
N ASN A 162 -9.02 14.99 -30.58
CA ASN A 162 -9.88 14.16 -31.41
C ASN A 162 -10.81 13.22 -30.64
N LEU A 163 -11.89 13.77 -30.09
CA LEU A 163 -12.85 12.96 -29.36
C LEU A 163 -13.55 12.02 -30.32
N ALA A 164 -13.44 12.32 -31.61
CA ALA A 164 -14.07 11.53 -32.66
C ALA A 164 -13.27 10.29 -33.02
N HIS A 165 -12.02 10.21 -32.56
CA HIS A 165 -11.19 9.06 -32.84
C HIS A 165 -11.89 7.78 -32.36
N PRO A 166 -11.82 6.71 -33.17
CA PRO A 166 -12.44 5.41 -32.86
C PRO A 166 -12.09 4.87 -31.47
N VAL A 167 -10.88 5.14 -31.01
CA VAL A 167 -10.44 4.67 -29.70
C VAL A 167 -11.27 5.31 -28.59
N ILE A 168 -11.64 6.57 -28.78
CA ILE A 168 -12.43 7.28 -27.80
C ILE A 168 -13.92 6.96 -27.94
N GLN A 169 -14.41 7.02 -29.17
CA GLN A 169 -15.82 6.77 -29.46
C GLN A 169 -16.31 5.37 -29.11
N ASN A 170 -15.44 4.38 -29.27
CA ASN A 170 -15.81 3.00 -29.00
C ASN A 170 -15.43 2.47 -27.62
N PHE A 171 -14.94 3.36 -26.76
CA PHE A 171 -14.60 2.93 -25.40
C PHE A 171 -15.92 2.71 -24.64
N SER A 172 -16.08 1.55 -24.05
CA SER A 172 -17.28 1.22 -23.28
C SER A 172 -16.91 1.19 -21.80
N TYR A 173 -17.41 2.14 -21.02
CA TYR A 173 -17.10 2.16 -19.60
C TYR A 173 -17.78 1.00 -18.89
N GLU A 174 -18.93 0.59 -19.40
CA GLU A 174 -19.66 -0.53 -18.79
C GLU A 174 -18.83 -1.82 -18.88
N THR A 175 -18.31 -2.11 -20.07
CA THR A 175 -17.48 -3.30 -20.27
C THR A 175 -16.26 -3.25 -19.36
N PHE A 176 -15.69 -2.07 -19.20
CA PHE A 176 -14.53 -1.88 -18.34
C PHE A 176 -14.91 -2.26 -16.91
N GLN A 177 -15.97 -1.66 -16.39
CA GLN A 177 -16.45 -1.94 -15.03
C GLN A 177 -16.62 -3.43 -14.79
N GLN A 178 -17.38 -4.08 -15.66
CA GLN A 178 -17.64 -5.50 -15.52
C GLN A 178 -16.38 -6.34 -15.60
N LYS A 179 -15.42 -5.91 -16.40
CA LYS A 179 -14.16 -6.64 -16.50
C LYS A 179 -13.42 -6.55 -15.18
N MET A 180 -13.43 -5.35 -14.59
CA MET A 180 -12.75 -5.14 -13.31
C MET A 180 -13.40 -5.97 -12.21
N LEU A 181 -14.72 -6.06 -12.22
CA LEU A 181 -15.41 -6.84 -11.19
C LEU A 181 -14.96 -8.29 -11.26
N ARG A 182 -14.93 -8.85 -12.48
CA ARG A 182 -14.53 -10.24 -12.66
C ARG A 182 -13.12 -10.53 -12.18
N PHE A 183 -12.19 -9.60 -12.38
CA PHE A 183 -10.83 -9.82 -11.89
C PHE A 183 -10.86 -9.80 -10.37
N LEU A 184 -11.47 -8.76 -9.80
CA LEU A 184 -11.56 -8.62 -8.35
C LEU A 184 -12.26 -9.80 -7.67
N GLU A 185 -13.37 -10.26 -8.25
CA GLU A 185 -14.13 -11.38 -7.69
C GLU A 185 -13.30 -12.67 -7.70
N SER A 186 -12.43 -12.80 -8.70
CA SER A 186 -11.62 -14.00 -8.83
C SER A 186 -10.71 -14.21 -7.63
N HIS A 187 -10.54 -13.17 -6.81
CA HIS A 187 -9.69 -13.29 -5.63
C HIS A 187 -10.50 -13.37 -4.35
N LEU A 188 -11.80 -13.58 -4.49
CA LEU A 188 -12.66 -13.66 -3.32
C LEU A 188 -13.38 -14.99 -3.14
N ASP A 189 -13.67 -15.31 -1.88
CA ASP A 189 -14.38 -16.52 -1.51
C ASP A 189 -15.74 -16.46 -2.22
N ASP A 190 -16.37 -17.60 -2.40
CA ASP A 190 -17.65 -17.69 -3.08
C ASP A 190 -18.84 -17.84 -2.14
N ALA A 191 -18.53 -18.14 -0.88
CA ALA A 191 -19.54 -18.37 0.16
C ALA A 191 -20.70 -17.40 0.26
N GLU A 192 -21.88 -17.97 0.52
CA GLU A 192 -23.10 -17.20 0.71
C GLU A 192 -22.96 -16.61 2.11
N PRO A 193 -23.19 -15.30 2.25
CA PRO A 193 -23.07 -14.68 3.58
C PRO A 193 -24.04 -15.32 4.57
N TYR A 194 -23.60 -15.45 5.82
CA TYR A 194 -24.41 -16.06 6.87
C TYR A 194 -25.83 -15.47 6.99
N LEU A 195 -25.93 -14.14 6.96
CA LEU A 195 -27.22 -13.48 7.09
C LEU A 195 -28.22 -13.78 5.97
N LEU A 196 -27.72 -13.99 4.75
CA LEU A 196 -28.61 -14.30 3.65
C LEU A 196 -29.12 -15.73 3.80
N THR A 197 -28.28 -16.60 4.34
CA THR A 197 -28.63 -17.99 4.57
C THR A 197 -29.79 -18.05 5.56
N MET A 198 -29.65 -17.34 6.66
CA MET A 198 -30.69 -17.31 7.69
C MET A 198 -31.98 -16.69 7.17
N ALA A 199 -31.87 -15.69 6.31
CA ALA A 199 -33.07 -15.05 5.77
C ALA A 199 -33.82 -16.06 4.91
N LYS A 200 -33.11 -16.72 4.00
CA LYS A 200 -33.72 -17.72 3.13
C LYS A 200 -34.47 -18.74 3.98
N LYS A 201 -33.88 -19.11 5.12
CA LYS A 201 -34.50 -20.07 6.03
C LYS A 201 -35.79 -19.49 6.61
N ALA A 202 -35.70 -18.32 7.23
CA ALA A 202 -36.87 -17.67 7.80
C ALA A 202 -38.00 -17.65 6.77
N LEU A 203 -37.64 -17.76 5.49
CA LEU A 203 -38.62 -17.78 4.43
C LEU A 203 -39.31 -19.13 4.31
N LYS A 204 -38.69 -20.16 4.89
CA LYS A 204 -39.26 -21.51 4.87
C LYS A 204 -40.62 -21.42 5.52
N SER A 205 -40.64 -21.58 6.83
CA SER A 205 -41.85 -21.53 7.63
C SER A 205 -42.83 -20.42 7.31
N GLU A 206 -42.54 -19.18 7.69
CA GLU A 206 -43.45 -18.06 7.40
C GLU A 206 -44.14 -18.28 6.06
N ALA B 2 40.00 8.86 -12.91
CA ALA B 2 39.09 9.32 -14.00
C ALA B 2 38.25 8.16 -14.52
N GLY B 3 38.81 7.38 -15.44
CA GLY B 3 38.09 6.23 -15.96
C GLY B 3 37.97 5.24 -14.82
N GLU B 4 39.09 5.04 -14.12
CA GLU B 4 39.17 4.12 -12.99
C GLU B 4 38.05 4.37 -11.99
N ALA B 5 37.58 5.61 -11.90
CA ALA B 5 36.51 5.97 -10.98
C ALA B 5 35.13 5.70 -11.58
N ARG B 6 35.06 5.69 -12.91
CA ARG B 6 33.80 5.42 -13.59
C ARG B 6 33.58 3.92 -13.37
N LEU B 7 34.61 3.14 -13.66
CA LEU B 7 34.58 1.70 -13.51
C LEU B 7 34.31 1.26 -12.06
N GLU B 8 34.88 1.98 -11.10
CA GLU B 8 34.65 1.64 -9.69
C GLU B 8 33.17 1.87 -9.38
N GLU B 9 32.63 2.96 -9.92
CA GLU B 9 31.23 3.30 -9.73
C GLU B 9 30.33 2.15 -10.17
N ALA B 10 30.59 1.64 -11.36
CA ALA B 10 29.80 0.55 -11.91
C ALA B 10 29.85 -0.66 -11.01
N VAL B 11 31.05 -1.02 -10.57
CA VAL B 11 31.19 -2.18 -9.71
C VAL B 11 30.47 -1.93 -8.39
N ASN B 12 30.71 -0.77 -7.80
CA ASN B 12 30.07 -0.41 -6.53
C ASN B 12 28.55 -0.59 -6.59
N ARG B 13 27.93 -0.15 -7.69
CA ARG B 13 26.48 -0.28 -7.83
C ARG B 13 26.09 -1.75 -7.92
N TRP B 14 26.90 -2.56 -8.60
CA TRP B 14 26.62 -3.99 -8.70
C TRP B 14 26.72 -4.62 -7.32
N VAL B 15 27.73 -4.21 -6.55
CA VAL B 15 27.96 -4.74 -5.21
C VAL B 15 26.77 -4.37 -4.35
N LEU B 16 26.44 -3.10 -4.36
CA LEU B 16 25.33 -2.57 -3.57
C LEU B 16 24.02 -3.29 -3.84
N LYS B 17 23.72 -3.54 -5.11
CA LYS B 17 22.48 -4.22 -5.50
C LYS B 17 22.47 -5.68 -5.13
N PHE B 18 23.63 -6.31 -5.23
CA PHE B 18 23.71 -7.70 -4.88
C PHE B 18 23.42 -7.82 -3.37
N TYR B 19 24.13 -7.05 -2.56
CA TYR B 19 23.90 -7.15 -1.11
C TYR B 19 22.50 -6.72 -0.70
N PHE B 20 21.94 -5.72 -1.37
CA PHE B 20 20.58 -5.31 -1.03
C PHE B 20 19.68 -6.53 -1.19
N HIS B 21 19.81 -7.21 -2.33
CA HIS B 21 19.04 -8.41 -2.63
C HIS B 21 19.22 -9.47 -1.55
N GLU B 22 20.45 -9.67 -1.09
CA GLU B 22 20.73 -10.65 -0.05
C GLU B 22 20.20 -10.19 1.31
N ALA B 23 20.19 -8.87 1.52
CA ALA B 23 19.69 -8.33 2.77
C ALA B 23 18.17 -8.57 2.88
N LEU B 24 17.45 -8.36 1.78
CA LEU B 24 16.01 -8.58 1.78
C LEU B 24 15.71 -10.06 2.00
N ARG B 25 16.51 -10.91 1.36
CA ARG B 25 16.31 -12.34 1.49
C ARG B 25 16.52 -12.78 2.94
N ALA B 26 17.53 -12.23 3.60
CA ALA B 26 17.79 -12.57 5.00
C ALA B 26 16.62 -12.08 5.85
N PHE B 27 16.21 -10.84 5.60
CA PHE B 27 15.10 -10.26 6.34
C PHE B 27 13.85 -11.11 6.16
N ARG B 28 13.56 -11.47 4.91
CA ARG B 28 12.39 -12.28 4.60
C ARG B 28 12.47 -13.63 5.32
N GLY B 29 13.68 -14.14 5.51
CA GLY B 29 13.85 -15.42 6.16
C GLY B 29 14.03 -15.31 7.67
N SER B 30 13.80 -14.11 8.20
CA SER B 30 13.94 -13.83 9.63
C SER B 30 15.34 -14.07 10.14
N ARG B 31 16.32 -13.98 9.26
CA ARG B 31 17.74 -14.15 9.63
C ARG B 31 18.28 -12.74 9.80
N TYR B 32 17.83 -12.09 10.87
CA TYR B 32 18.22 -10.71 11.13
C TYR B 32 19.70 -10.49 11.42
N GLY B 33 20.37 -11.54 11.89
CA GLY B 33 21.79 -11.43 12.15
C GLY B 33 22.48 -11.19 10.82
N ASP B 34 22.16 -12.01 9.82
CA ASP B 34 22.75 -11.85 8.50
C ASP B 34 22.34 -10.49 7.93
N PHE B 35 21.09 -10.11 8.12
CA PHE B 35 20.61 -8.82 7.65
C PHE B 35 21.52 -7.68 8.15
N ARG B 36 21.76 -7.63 9.45
CA ARG B 36 22.59 -6.58 10.03
C ARG B 36 24.02 -6.56 9.48
N GLN B 37 24.62 -7.73 9.34
CA GLN B 37 25.98 -7.79 8.81
C GLN B 37 26.02 -7.28 7.37
N ILE B 38 25.01 -7.64 6.59
CA ILE B 38 24.96 -7.20 5.20
C ILE B 38 24.70 -5.71 5.20
N ARG B 39 23.88 -5.24 6.14
CA ARG B 39 23.57 -3.81 6.27
C ARG B 39 24.86 -3.01 6.50
N ASP B 40 25.76 -3.55 7.31
CA ASP B 40 27.03 -2.88 7.60
C ASP B 40 27.94 -2.81 6.40
N ILE B 41 27.87 -3.83 5.55
CA ILE B 41 28.68 -3.85 4.34
C ILE B 41 28.20 -2.71 3.44
N MET B 42 26.88 -2.57 3.33
CA MET B 42 26.28 -1.54 2.50
C MET B 42 26.55 -0.14 3.05
N GLN B 43 26.56 -0.03 4.38
CA GLN B 43 26.84 1.23 5.04
C GLN B 43 28.25 1.68 4.69
N ALA B 44 29.17 0.73 4.62
CA ALA B 44 30.57 1.03 4.31
C ALA B 44 30.75 1.48 2.86
N LEU B 45 29.99 0.88 1.95
CA LEU B 45 30.05 1.21 0.54
C LEU B 45 29.55 2.61 0.21
N LEU B 46 28.66 3.14 1.05
CA LEU B 46 28.07 4.45 0.84
C LEU B 46 29.03 5.63 0.77
N VAL B 47 30.20 5.50 1.39
CA VAL B 47 31.17 6.60 1.36
C VAL B 47 31.84 6.64 0.00
N ARG B 48 31.69 5.56 -0.76
CA ARG B 48 32.29 5.43 -2.08
C ARG B 48 31.39 6.01 -3.18
N PRO B 49 31.95 6.20 -4.39
CA PRO B 49 31.22 6.74 -5.53
C PRO B 49 30.22 5.75 -6.10
N LEU B 50 28.95 6.17 -6.20
CA LEU B 50 27.89 5.33 -6.71
C LEU B 50 27.26 5.96 -7.93
N GLY B 51 27.40 7.27 -8.04
CA GLY B 51 26.85 7.96 -9.18
C GLY B 51 25.40 8.37 -8.98
N LYS B 52 24.55 8.10 -9.97
CA LYS B 52 23.17 8.54 -9.92
C LYS B 52 21.89 7.69 -9.84
N GLU B 53 21.84 6.48 -10.39
CA GLU B 53 20.59 5.71 -10.35
C GLU B 53 19.57 6.06 -9.29
N HIS B 54 18.35 6.34 -9.71
CA HIS B 54 17.30 6.64 -8.74
C HIS B 54 16.97 5.30 -8.14
N THR B 55 17.47 4.26 -8.80
CA THR B 55 17.23 2.90 -8.37
C THR B 55 17.93 2.63 -7.04
N VAL B 56 19.08 3.29 -6.81
CA VAL B 56 19.82 3.07 -5.57
C VAL B 56 19.26 3.91 -4.41
N SER B 57 18.71 5.07 -4.71
CA SER B 57 18.14 5.95 -3.69
C SER B 57 16.94 5.26 -3.06
N ARG B 58 16.12 4.64 -3.92
CA ARG B 58 14.94 3.92 -3.45
C ARG B 58 15.48 2.77 -2.62
N LEU B 59 16.45 2.08 -3.20
CA LEU B 59 17.13 0.96 -2.58
C LEU B 59 17.57 1.35 -1.19
N LEU B 60 18.29 2.46 -1.10
CA LEU B 60 18.80 2.94 0.17
C LEU B 60 17.73 3.42 1.16
N ARG B 61 16.67 4.03 0.66
CA ARG B 61 15.60 4.46 1.56
C ARG B 61 14.95 3.24 2.19
N VAL B 62 14.82 2.18 1.40
CA VAL B 62 14.24 0.92 1.90
C VAL B 62 15.12 0.31 2.98
N MET B 63 16.43 0.17 2.71
CA MET B 63 17.36 -0.38 3.68
C MET B 63 17.25 0.41 4.97
N GLN B 64 17.21 1.72 4.81
CA GLN B 64 17.11 2.65 5.92
C GLN B 64 15.91 2.31 6.80
N CYS B 65 14.74 2.19 6.20
CA CYS B 65 13.53 1.88 6.95
C CYS B 65 13.62 0.50 7.62
N LEU B 66 14.03 -0.50 6.85
CA LEU B 66 14.17 -1.86 7.38
C LEU B 66 15.18 -1.95 8.52
N SER B 67 16.28 -1.20 8.39
CA SER B 67 17.32 -1.23 9.41
C SER B 67 16.75 -0.73 10.74
N ARG B 68 15.92 0.32 10.67
CA ARG B 68 15.30 0.87 11.87
C ARG B 68 14.25 -0.08 12.42
N ILE B 69 13.53 -0.75 11.53
CA ILE B 69 12.51 -1.69 11.96
C ILE B 69 13.12 -2.93 12.61
N GLU B 70 14.28 -3.36 12.13
CA GLU B 70 14.94 -4.55 12.67
C GLU B 70 15.44 -4.32 14.10
N GLU B 71 15.86 -3.09 14.40
CA GLU B 71 16.33 -2.75 15.73
C GLU B 71 15.19 -2.08 16.51
N GLY B 72 13.98 -2.21 15.98
CA GLY B 72 12.80 -1.61 16.61
C GLY B 72 12.55 -1.94 18.07
N GLU B 73 12.90 -3.15 18.50
CA GLU B 73 12.67 -3.55 19.89
C GLU B 73 13.82 -3.14 20.83
N ASN B 74 14.83 -2.47 20.30
CA ASN B 74 15.95 -2.01 21.12
C ASN B 74 15.87 -0.51 21.29
N LEU B 75 15.33 -0.08 22.42
CA LEU B 75 15.19 1.34 22.69
C LEU B 75 16.47 2.00 23.17
N ASP B 76 17.59 1.28 23.04
CA ASP B 76 18.89 1.82 23.42
C ASP B 76 19.54 2.36 22.16
N CYS B 77 19.02 1.95 21.01
CA CYS B 77 19.57 2.40 19.73
C CYS B 77 19.03 3.74 19.32
N SER B 78 19.87 4.50 18.64
CA SER B 78 19.52 5.81 18.15
C SER B 78 20.06 5.94 16.74
N PHE B 79 19.16 6.12 15.78
CA PHE B 79 19.56 6.29 14.38
C PHE B 79 19.54 7.76 14.10
N ASP B 80 19.38 8.57 15.14
CA ASP B 80 19.27 9.99 14.93
C ASP B 80 20.04 10.97 15.78
N MET B 81 20.26 12.12 15.15
CA MET B 81 20.92 13.26 15.73
C MET B 81 20.46 13.39 17.17
N GLU B 82 19.13 13.46 17.31
CA GLU B 82 18.48 13.61 18.60
C GLU B 82 18.14 12.29 19.28
N ALA B 83 18.80 12.05 20.41
CA ALA B 83 18.62 10.84 21.21
C ALA B 83 17.16 10.48 21.44
N GLU B 84 16.30 11.49 21.51
CA GLU B 84 14.88 11.29 21.75
C GLU B 84 14.27 10.14 20.95
N LEU B 85 14.44 10.20 19.63
CA LEU B 85 13.86 9.19 18.74
C LEU B 85 14.24 7.74 18.90
N THR B 86 13.24 6.91 19.19
CA THR B 86 13.41 5.48 19.29
C THR B 86 13.51 5.06 17.82
N PRO B 87 14.06 3.87 17.54
CA PRO B 87 14.21 3.40 16.16
C PRO B 87 12.92 3.46 15.32
N LEU B 88 11.80 3.02 15.89
CA LEU B 88 10.53 3.04 15.16
C LEU B 88 10.08 4.47 14.83
N GLU B 89 10.26 5.39 15.78
CA GLU B 89 9.91 6.78 15.53
C GLU B 89 10.78 7.21 14.33
N SER B 90 12.03 6.76 14.35
CA SER B 90 12.95 7.07 13.26
C SER B 90 12.49 6.43 11.94
N ALA B 91 11.82 5.27 12.04
CA ALA B 91 11.29 4.56 10.87
C ALA B 91 10.14 5.37 10.27
N ILE B 92 9.33 5.96 11.13
CA ILE B 92 8.21 6.79 10.70
C ILE B 92 8.77 7.92 9.84
N ASN B 93 9.84 8.53 10.32
CA ASN B 93 10.45 9.63 9.58
C ASN B 93 10.98 9.16 8.22
N VAL B 94 11.57 7.98 8.18
CA VAL B 94 12.08 7.46 6.91
C VAL B 94 10.90 7.20 5.97
N LEU B 95 9.80 6.70 6.52
CA LEU B 95 8.62 6.42 5.72
C LEU B 95 8.10 7.71 5.08
N GLU B 96 8.12 8.80 5.84
CA GLU B 96 7.67 10.09 5.32
C GLU B 96 8.56 10.50 4.15
N MET B 97 9.85 10.21 4.25
CA MET B 97 10.79 10.54 3.19
C MET B 97 10.46 9.71 1.95
N ILE B 98 10.13 8.43 2.19
CA ILE B 98 9.77 7.53 1.11
C ILE B 98 8.53 8.06 0.39
N LYS B 99 7.51 8.45 1.16
CA LYS B 99 6.28 9.00 0.59
C LYS B 99 6.62 10.12 -0.39
N THR B 100 7.30 11.15 0.11
CA THR B 100 7.67 12.30 -0.70
C THR B 100 8.49 11.91 -1.92
N GLU B 101 9.59 11.19 -1.70
CA GLU B 101 10.49 10.79 -2.79
C GLU B 101 9.92 9.77 -3.77
N PHE B 102 9.17 8.79 -3.28
CA PHE B 102 8.56 7.80 -4.15
C PHE B 102 7.25 8.36 -4.70
N THR B 103 6.94 9.60 -4.31
CA THR B 103 5.71 10.28 -4.71
C THR B 103 4.51 9.35 -4.53
N LEU B 104 4.27 8.96 -3.27
CA LEU B 104 3.17 8.06 -2.93
C LEU B 104 2.04 8.87 -2.29
N THR B 105 0.83 8.32 -2.36
CA THR B 105 -0.30 9.03 -1.78
C THR B 105 -0.46 8.63 -0.33
N GLU B 106 -1.18 9.48 0.41
CA GLU B 106 -1.46 9.25 1.81
C GLU B 106 -2.13 7.89 2.01
N ALA B 107 -3.07 7.56 1.12
CA ALA B 107 -3.78 6.29 1.22
C ALA B 107 -2.83 5.09 1.10
N VAL B 108 -1.87 5.19 0.20
CA VAL B 108 -0.90 4.11 -0.01
C VAL B 108 0.05 3.91 1.16
N VAL B 109 0.56 5.01 1.71
CA VAL B 109 1.49 4.98 2.82
C VAL B 109 0.80 4.78 4.18
N GLU B 110 -0.46 5.15 4.25
CA GLU B 110 -1.23 5.06 5.48
C GLU B 110 -1.20 3.72 6.20
N SER B 111 -1.50 2.64 5.48
CA SER B 111 -1.52 1.34 6.14
C SER B 111 -0.18 1.04 6.80
N SER B 112 0.90 1.20 6.04
CA SER B 112 2.24 0.97 6.56
C SER B 112 2.44 1.77 7.83
N ARG B 113 2.20 3.08 7.72
CA ARG B 113 2.36 4.00 8.81
C ARG B 113 1.59 3.63 10.06
N LYS B 114 0.35 3.21 9.89
CA LYS B 114 -0.47 2.80 11.01
C LYS B 114 0.25 1.70 11.77
N LEU B 115 0.78 0.74 11.02
CA LEU B 115 1.50 -0.39 11.61
C LEU B 115 2.74 0.06 12.38
N VAL B 116 3.51 0.97 11.81
CA VAL B 116 4.73 1.45 12.47
C VAL B 116 4.42 2.25 13.74
N LYS B 117 3.42 3.12 13.66
CA LYS B 117 3.02 3.94 14.82
C LYS B 117 2.50 3.03 15.93
N GLU B 118 1.71 2.04 15.55
CA GLU B 118 1.17 1.08 16.50
C GLU B 118 2.33 0.38 17.21
N ALA B 119 3.24 -0.16 16.42
CA ALA B 119 4.42 -0.85 16.94
C ALA B 119 5.26 0.05 17.85
N ALA B 120 5.46 1.31 17.44
CA ALA B 120 6.25 2.23 18.24
C ALA B 120 5.66 2.40 19.63
N VAL B 121 4.36 2.63 19.70
CA VAL B 121 3.68 2.81 20.98
C VAL B 121 3.77 1.56 21.84
N ILE B 122 3.44 0.41 21.26
CA ILE B 122 3.44 -0.86 21.98
C ILE B 122 4.79 -1.33 22.49
N ILE B 123 5.87 -1.07 21.76
CA ILE B 123 7.18 -1.47 22.22
C ILE B 123 7.55 -0.60 23.44
N CYS B 124 7.16 0.67 23.40
CA CYS B 124 7.45 1.54 24.53
C CYS B 124 6.67 1.04 25.74
N ILE B 125 5.44 0.61 25.52
CA ILE B 125 4.60 0.10 26.58
C ILE B 125 5.15 -1.19 27.21
N LYS B 126 5.68 -2.09 26.38
CA LYS B 126 6.25 -3.34 26.87
C LYS B 126 7.44 -3.08 27.79
N ASN B 127 8.19 -2.01 27.51
CA ASN B 127 9.33 -1.63 28.31
C ASN B 127 8.88 -0.69 29.43
N LYS B 128 7.57 -0.57 29.59
CA LYS B 128 6.96 0.34 30.57
C LYS B 128 7.52 1.75 30.45
N GLU B 129 7.68 2.20 29.21
CA GLU B 129 8.13 3.54 28.92
C GLU B 129 6.79 4.21 28.59
N PHE B 130 5.92 4.23 29.59
CA PHE B 130 4.57 4.77 29.46
C PHE B 130 4.51 6.23 29.03
N GLU B 131 5.33 7.06 29.65
CA GLU B 131 5.38 8.48 29.32
C GLU B 131 5.77 8.64 27.85
N LYS B 132 6.80 7.91 27.43
CA LYS B 132 7.29 7.95 26.06
C LYS B 132 6.20 7.45 25.11
N ALA B 133 5.51 6.39 25.52
CA ALA B 133 4.44 5.81 24.71
C ALA B 133 3.31 6.81 24.51
N SER B 134 3.02 7.59 25.55
CA SER B 134 1.96 8.58 25.49
C SER B 134 2.34 9.70 24.50
N LYS B 135 3.55 10.22 24.63
CA LYS B 135 4.02 11.29 23.74
C LYS B 135 3.98 10.84 22.27
N ILE B 136 4.47 9.62 22.01
CA ILE B 136 4.48 9.10 20.65
C ILE B 136 3.04 8.97 20.16
N LEU B 137 2.19 8.43 21.00
CA LEU B 137 0.77 8.25 20.67
C LEU B 137 0.17 9.59 20.24
N LYS B 138 0.24 10.58 21.12
CA LYS B 138 -0.32 11.90 20.88
C LYS B 138 0.22 12.67 19.68
N LYS B 139 1.52 12.64 19.46
CA LYS B 139 2.10 13.36 18.34
C LYS B 139 1.78 12.71 17.00
N HIS B 140 1.93 11.39 16.94
CA HIS B 140 1.74 10.62 15.72
C HIS B 140 0.38 10.01 15.49
N MET B 141 -0.20 9.42 16.52
CA MET B 141 -1.48 8.79 16.30
C MET B 141 -2.62 9.66 15.82
N SER B 142 -3.14 9.15 14.71
CA SER B 142 -4.19 9.65 13.86
C SER B 142 -5.61 10.14 14.25
N LYS B 143 -6.22 9.79 15.38
CA LYS B 143 -7.58 10.32 15.68
C LYS B 143 -8.69 10.11 14.63
N ASP B 144 -8.35 9.33 13.61
CA ASP B 144 -9.25 9.00 12.51
C ASP B 144 -10.37 8.28 13.24
N PRO B 145 -11.56 8.17 12.62
CA PRO B 145 -12.67 7.46 13.29
C PRO B 145 -12.38 5.97 13.24
N THR B 146 -11.57 5.57 12.27
CA THR B 146 -11.23 4.17 12.06
C THR B 146 -10.04 3.68 12.90
N THR B 147 -9.45 4.57 13.68
CA THR B 147 -8.31 4.18 14.51
C THR B 147 -8.50 4.67 15.95
N GLN B 148 -9.53 5.50 16.16
CA GLN B 148 -9.82 6.04 17.48
C GLN B 148 -10.00 4.98 18.58
N LYS B 149 -10.55 3.82 18.27
CA LYS B 149 -10.72 2.81 19.31
C LYS B 149 -9.37 2.25 19.73
N LEU B 150 -8.49 2.00 18.76
CA LEU B 150 -7.16 1.50 19.05
C LEU B 150 -6.41 2.54 19.87
N ARG B 151 -6.58 3.81 19.50
CA ARG B 151 -5.90 4.88 20.21
C ARG B 151 -6.40 4.99 21.65
N ASN B 152 -7.70 4.81 21.85
CA ASN B 152 -8.26 4.88 23.19
C ASN B 152 -7.78 3.70 24.03
N ASP B 153 -7.84 2.50 23.45
CA ASP B 153 -7.37 1.32 24.16
C ASP B 153 -5.93 1.56 24.63
N LEU B 154 -5.08 1.99 23.70
CA LEU B 154 -3.68 2.25 24.03
C LEU B 154 -3.57 3.30 25.12
N LEU B 155 -4.26 4.43 24.94
CA LEU B 155 -4.23 5.50 25.93
C LEU B 155 -4.63 4.94 27.30
N ASN B 156 -5.62 4.05 27.30
CA ASN B 156 -6.07 3.44 28.54
C ASN B 156 -5.04 2.46 29.10
N ILE B 157 -4.40 1.70 28.21
CA ILE B 157 -3.39 0.73 28.63
C ILE B 157 -2.24 1.46 29.30
N ILE B 158 -1.90 2.64 28.77
CA ILE B 158 -0.84 3.44 29.34
C ILE B 158 -1.36 3.96 30.68
N ARG B 159 -2.67 4.14 30.74
CA ARG B 159 -3.35 4.62 31.94
C ARG B 159 -3.09 3.63 33.07
N GLU B 160 -3.65 2.42 32.94
CA GLU B 160 -3.50 1.38 33.95
C GLU B 160 -2.17 0.65 33.92
N LYS B 161 -1.34 0.90 32.90
CA LYS B 161 -0.06 0.20 32.78
C LYS B 161 -0.44 -1.28 32.64
N ASN B 162 -1.47 -1.53 31.84
CA ASN B 162 -1.97 -2.88 31.64
C ASN B 162 -1.21 -3.66 30.57
N LEU B 163 0.00 -4.10 30.91
CA LEU B 163 0.78 -4.86 29.95
C LEU B 163 0.11 -6.18 29.60
N ALA B 164 -0.93 -6.54 30.35
CA ALA B 164 -1.63 -7.80 30.09
C ALA B 164 -2.86 -7.66 29.17
N HIS B 165 -3.06 -6.48 28.62
CA HIS B 165 -4.18 -6.25 27.72
C HIS B 165 -3.96 -6.97 26.39
N PRO B 166 -5.00 -7.67 25.89
CA PRO B 166 -4.94 -8.41 24.62
C PRO B 166 -4.21 -7.66 23.52
N VAL B 167 -4.43 -6.35 23.44
CA VAL B 167 -3.79 -5.53 22.43
C VAL B 167 -2.27 -5.65 22.56
N ILE B 168 -1.78 -5.68 23.80
CA ILE B 168 -0.34 -5.81 24.01
C ILE B 168 0.13 -7.25 23.80
N GLN B 169 -0.61 -8.19 24.40
CA GLN B 169 -0.26 -9.61 24.31
C GLN B 169 -0.40 -10.23 22.92
N ASN B 170 -1.33 -9.75 22.12
CA ASN B 170 -1.53 -10.28 20.77
C ASN B 170 -0.61 -9.66 19.73
N PHE B 171 0.17 -8.66 20.12
CA PHE B 171 1.09 -8.00 19.18
C PHE B 171 2.29 -8.88 18.83
N SER B 172 2.46 -9.13 17.54
CA SER B 172 3.56 -9.94 17.03
C SER B 172 4.55 -9.05 16.26
N TYR B 173 5.72 -8.80 16.84
CA TYR B 173 6.69 -7.97 16.16
C TYR B 173 7.13 -8.68 14.86
N GLU B 174 7.23 -10.00 14.90
CA GLU B 174 7.64 -10.74 13.70
C GLU B 174 6.68 -10.46 12.54
N THR B 175 5.38 -10.58 12.79
CA THR B 175 4.38 -10.31 11.75
C THR B 175 4.46 -8.85 11.30
N PHE B 176 4.67 -7.94 12.25
CA PHE B 176 4.80 -6.52 11.94
C PHE B 176 5.94 -6.31 10.95
N GLN B 177 7.10 -6.86 11.28
CA GLN B 177 8.29 -6.74 10.44
C GLN B 177 8.07 -7.28 9.04
N GLN B 178 7.48 -8.47 8.96
CA GLN B 178 7.27 -9.07 7.66
C GLN B 178 6.28 -8.27 6.79
N LYS B 179 5.27 -7.67 7.41
CA LYS B 179 4.30 -6.87 6.67
C LYS B 179 4.99 -5.62 6.14
N MET B 180 5.87 -5.05 6.95
CA MET B 180 6.59 -3.86 6.53
C MET B 180 7.50 -4.20 5.34
N LEU B 181 8.14 -5.36 5.38
CA LEU B 181 9.01 -5.78 4.27
C LEU B 181 8.16 -5.92 3.02
N ARG B 182 6.98 -6.47 3.21
CA ARG B 182 6.02 -6.67 2.13
C ARG B 182 5.75 -5.34 1.42
N PHE B 183 5.37 -4.34 2.18
CA PHE B 183 5.08 -3.01 1.64
C PHE B 183 6.27 -2.36 0.95
N LEU B 184 7.40 -2.27 1.65
CA LEU B 184 8.59 -1.64 1.09
C LEU B 184 9.07 -2.32 -0.17
N GLU B 185 8.93 -3.63 -0.18
CA GLU B 185 9.34 -4.48 -1.29
C GLU B 185 8.55 -4.19 -2.57
N SER B 186 7.30 -3.75 -2.40
CA SER B 186 6.43 -3.46 -3.53
C SER B 186 6.80 -2.24 -4.38
N HIS B 187 7.74 -1.43 -3.89
CA HIS B 187 8.16 -0.25 -4.65
C HIS B 187 9.51 -0.52 -5.31
N LEU B 188 9.87 -1.79 -5.44
CA LEU B 188 11.15 -2.18 -6.03
C LEU B 188 10.97 -3.18 -7.17
N ASP B 189 11.91 -3.18 -8.11
CA ASP B 189 11.81 -4.13 -9.20
C ASP B 189 12.22 -5.50 -8.68
N ASP B 190 11.69 -6.53 -9.33
CA ASP B 190 11.90 -7.92 -8.95
C ASP B 190 13.11 -8.62 -9.57
N ALA B 191 13.89 -7.91 -10.38
CA ALA B 191 15.04 -8.50 -11.07
C ALA B 191 16.17 -9.09 -10.23
N GLU B 192 16.94 -9.95 -10.88
CA GLU B 192 18.07 -10.63 -10.28
C GLU B 192 19.26 -9.69 -10.47
N PRO B 193 20.02 -9.41 -9.40
CA PRO B 193 21.18 -8.52 -9.51
C PRO B 193 22.24 -9.20 -10.37
N TYR B 194 22.94 -8.41 -11.19
CA TYR B 194 23.95 -8.93 -12.10
C TYR B 194 24.91 -9.96 -11.50
N LEU B 195 25.51 -9.64 -10.35
CA LEU B 195 26.47 -10.56 -9.74
C LEU B 195 25.92 -11.95 -9.40
N LEU B 196 24.67 -12.02 -8.98
CA LEU B 196 24.09 -13.32 -8.65
C LEU B 196 23.91 -14.11 -9.94
N THR B 197 23.62 -13.40 -11.02
CA THR B 197 23.43 -14.02 -12.32
C THR B 197 24.75 -14.61 -12.80
N MET B 198 25.81 -13.81 -12.73
CA MET B 198 27.12 -14.27 -13.16
C MET B 198 27.63 -15.36 -12.21
N ALA B 199 27.10 -15.38 -11.00
CA ALA B 199 27.50 -16.37 -10.01
C ALA B 199 26.79 -17.70 -10.25
N LYS B 200 25.63 -17.64 -10.86
CA LYS B 200 24.88 -18.85 -11.17
C LYS B 200 25.48 -19.49 -12.41
N LYS B 201 25.90 -18.66 -13.35
CA LYS B 201 26.52 -19.14 -14.57
C LYS B 201 27.85 -19.76 -14.16
N ALA B 202 28.81 -18.90 -13.84
CA ALA B 202 30.14 -19.33 -13.42
C ALA B 202 30.09 -20.60 -12.57
N LEU B 203 29.31 -20.57 -11.49
CA LEU B 203 29.18 -21.74 -10.60
C LEU B 203 28.82 -23.03 -11.33
N LYS B 204 28.24 -22.92 -12.52
CA LYS B 204 27.85 -24.14 -13.20
C LYS B 204 28.75 -24.46 -14.40
N SER B 205 29.95 -23.91 -14.33
CA SER B 205 30.97 -24.11 -15.34
C SER B 205 31.37 -25.42 -14.74
N GLU B 206 31.71 -25.30 -13.46
CA GLU B 206 32.13 -26.41 -12.67
C GLU B 206 31.32 -27.67 -12.57
N SER B 207 32.08 -28.71 -12.29
CA SER B 207 31.51 -29.99 -11.96
C SER B 207 32.34 -31.23 -11.70
N ALA B 208 31.79 -31.90 -10.69
CA ALA B 208 32.18 -33.22 -10.23
C ALA B 208 33.21 -33.71 -9.26
N SER C 1 -7.87 5.82 6.77
CA SER C 1 -9.07 5.93 5.88
C SER C 1 -9.17 4.83 4.83
N PHE C 2 -9.76 3.70 5.18
CA PHE C 2 -9.97 2.68 4.17
C PHE C 2 -11.33 3.14 3.64
N ASN C 3 -11.42 4.42 3.28
CA ASN C 3 -12.67 5.01 2.79
C ASN C 3 -13.22 4.45 1.49
N LEU C 4 -14.48 4.05 1.56
CA LEU C 4 -15.20 3.49 0.41
C LEU C 4 -15.85 4.60 -0.41
N ALA C 5 -16.34 5.64 0.26
CA ALA C 5 -17.00 6.74 -0.41
C ALA C 5 -16.07 7.93 -0.59
N PRO C 6 -16.44 8.85 -1.48
CA PRO C 6 -15.63 10.04 -1.75
C PRO C 6 -15.46 10.88 -0.49
N LEU C 7 -14.38 11.64 -0.42
CA LEU C 7 -14.14 12.53 0.72
C LEU C 7 -14.77 13.88 0.42
N GLY C 8 -14.88 14.19 -0.87
CA GLY C 8 -15.44 15.46 -1.30
C GLY C 8 -15.37 15.64 -2.80
N ARG C 9 -15.39 16.89 -3.25
CA ARG C 9 -15.35 17.15 -4.69
C ARG C 9 -13.99 17.60 -5.20
N ARG C 10 -13.79 17.38 -6.50
CA ARG C 10 -12.57 17.76 -7.20
C ARG C 10 -12.95 18.92 -8.10
N ARG C 11 -11.98 19.75 -8.47
CA ARG C 11 -12.28 20.84 -9.38
C ARG C 11 -11.96 20.31 -10.76
N VAL C 12 -13.00 20.07 -11.57
CA VAL C 12 -12.80 19.59 -12.92
C VAL C 12 -11.99 20.68 -13.62
N GLN C 13 -11.31 20.34 -14.71
CA GLN C 13 -10.52 21.34 -15.42
C GLN C 13 -10.93 21.46 -16.88
N SER C 14 -12.03 20.77 -17.21
CA SER C 14 -12.62 20.74 -18.56
C SER C 14 -12.45 21.95 -19.48
N GLN C 15 -13.37 22.88 -19.28
CA GLN C 15 -13.50 24.12 -20.04
C GLN C 15 -14.77 24.75 -19.45
N SER D 1 23.54 8.36 1.04
CA SER D 1 22.10 8.47 1.44
C SER D 1 22.17 9.31 2.70
N PHE D 2 22.18 8.56 3.81
CA PHE D 2 22.36 8.99 5.19
C PHE D 2 22.50 7.55 5.76
N ASN D 3 22.71 7.47 7.06
CA ASN D 3 22.92 6.20 7.77
C ASN D 3 21.95 5.00 7.79
N LEU D 4 22.49 3.83 7.50
CA LEU D 4 21.74 2.59 7.55
C LEU D 4 21.82 2.11 9.00
N ALA D 5 23.04 1.93 9.49
CA ALA D 5 23.24 1.47 10.86
C ALA D 5 23.06 2.59 11.88
N PRO D 6 22.84 2.21 13.15
CA PRO D 6 22.66 3.21 14.19
C PRO D 6 23.99 3.79 14.74
N LEU D 7 23.90 4.63 15.78
CA LEU D 7 25.07 5.31 16.38
C LEU D 7 25.51 4.80 17.79
N GLY D 8 24.69 3.87 18.32
CA GLY D 8 24.78 3.29 19.68
C GLY D 8 23.77 4.15 20.47
N ARG D 9 24.28 4.68 21.58
CA ARG D 9 23.66 5.76 22.31
C ARG D 9 22.14 6.20 22.42
N ARG D 10 21.29 5.69 23.31
CA ARG D 10 19.94 6.32 23.37
C ARG D 10 19.70 6.51 24.86
#